data_6MD4
#
_entry.id   6MD4
#
_cell.length_a   92.829
_cell.length_b   61.834
_cell.length_c   118.717
_cell.angle_alpha   90.000
_cell.angle_beta   102.340
_cell.angle_gamma   90.000
#
_symmetry.space_group_name_H-M   'C 1 2 1'
#
loop_
_entity.id
_entity.type
_entity.pdbx_description
1 polymer 'Peroxisome proliferator-activated receptor gamma'
2 non-polymer '2,4-THIAZOLIDIINEDIONE, 5-[[4-[2-(METHYL-2-PYRIDINYLAMINO)ETHOXY]PHENYL]METHYL]-(9CL)'
3 non-polymer 'OLEIC ACID'
4 water water
#
_entity_poly.entity_id   1
_entity_poly.type   'polypeptide(L)'
_entity_poly.pdbx_seq_one_letter_code
;QLNPESADLRALAKHLYDSYIKSFPLTKAKARAILTGKTTDKSPFVIYDMNSLMMGEDKIKFKHITPLQEQSKEVAIRIF
QGCQFRSVEAVQEITEYAKSIPGFVNLDLNDQVTLLKYGVHEIIYTMLASLMNKDGVLISEGQGFMTREFLKSLRKPFGD
FMEPKFEFAVKFNALELDDSDLAIFIAVIILSGDRPGLLNVKPIEDIQDNLLQALELQLKLNHPESSQLFAKLLQKMTDL
RQIVTEHVQLLQVIKKTETDMSLHPLLQEIYKDLY
;
_entity_poly.pdbx_strand_id   A,B
#
loop_
_chem_comp.id
_chem_comp.type
_chem_comp.name
_chem_comp.formula
BRL non-polymer '2,4-THIAZOLIDIINEDIONE, 5-[[4-[2-(METHYL-2-PYRIDINYLAMINO)ETHOXY]PHENYL]METHYL]-(9CL)' 'C18 H19 N3 O3 S'
OLA non-polymer 'OLEIC ACID' 'C18 H34 O2'
#
# COMPACT_ATOMS: atom_id res chain seq x y z
N GLU A 5 -12.55 9.83 -24.56
CA GLU A 5 -13.07 8.76 -25.39
C GLU A 5 -12.28 7.45 -25.23
N SER A 6 -13.02 6.34 -25.19
CA SER A 6 -12.38 5.04 -25.07
C SER A 6 -11.34 4.82 -26.16
N ALA A 7 -11.60 5.34 -27.37
CA ALA A 7 -10.68 5.17 -28.48
C ALA A 7 -9.30 5.74 -28.17
N ASP A 8 -9.24 6.91 -27.52
CA ASP A 8 -7.94 7.46 -27.14
C ASP A 8 -7.24 6.56 -26.14
N LEU A 9 -8.02 5.93 -25.26
CA LEU A 9 -7.44 5.08 -24.22
C LEU A 9 -6.93 3.77 -24.80
N ARG A 10 -7.66 3.21 -25.78
CA ARG A 10 -7.21 1.99 -26.43
C ARG A 10 -5.92 2.22 -27.20
N ALA A 11 -5.77 3.40 -27.79
CA ALA A 11 -4.54 3.72 -28.50
C ALA A 11 -3.37 3.91 -27.53
N LEU A 12 -3.64 4.51 -26.36
CA LEU A 12 -2.59 4.57 -25.35
C LEU A 12 -2.21 3.15 -24.88
N ALA A 13 -3.21 2.28 -24.69
CA ALA A 13 -2.96 0.89 -24.29
C ALA A 13 -2.08 0.18 -25.32
N LYS A 14 -2.46 0.26 -26.59
CA LYS A 14 -1.66 -0.32 -27.66
C LYS A 14 -0.23 0.20 -27.64
N HIS A 15 -0.07 1.52 -27.50
CA HIS A 15 1.25 2.13 -27.47
C HIS A 15 2.10 1.54 -26.35
N LEU A 16 1.56 1.54 -25.13
CA LEU A 16 2.33 1.07 -23.99
C LEU A 16 2.70 -0.41 -24.14
N TYR A 17 1.73 -1.23 -24.59
CA TYR A 17 2.03 -2.64 -24.86
C TYR A 17 3.20 -2.75 -25.83
N ASP A 18 3.17 -1.93 -26.89
CA ASP A 18 4.18 -2.02 -27.93
C ASP A 18 5.57 -1.67 -27.38
N SER A 19 5.66 -0.65 -26.52
CA SER A 19 6.97 -0.31 -25.95
C SER A 19 7.41 -1.34 -24.93
N TYR A 20 6.45 -1.92 -24.23
CA TYR A 20 6.73 -2.98 -23.27
C TYR A 20 7.40 -4.16 -23.97
N ILE A 21 6.82 -4.61 -25.08
CA ILE A 21 7.42 -5.69 -25.84
C ILE A 21 8.84 -5.31 -26.26
N LYS A 22 9.03 -4.05 -26.65
CA LYS A 22 10.32 -3.66 -27.17
C LYS A 22 11.37 -3.47 -26.09
N SER A 23 10.97 -3.21 -24.83
CA SER A 23 11.97 -2.96 -23.79
C SER A 23 12.26 -4.15 -22.89
N PHE A 24 11.41 -5.18 -22.87
CA PHE A 24 11.58 -6.32 -21.96
C PHE A 24 11.70 -7.60 -22.76
N PRO A 25 12.92 -8.13 -22.93
CA PRO A 25 13.05 -9.34 -23.75
C PRO A 25 12.31 -10.55 -23.20
N LEU A 26 12.18 -10.71 -21.88
CA LEU A 26 11.49 -11.89 -21.33
C LEU A 26 10.12 -11.47 -20.80
N THR A 27 9.11 -11.62 -21.65
CA THR A 27 7.74 -11.27 -21.31
C THR A 27 7.12 -12.36 -20.43
N LYS A 28 5.96 -12.06 -19.85
CA LYS A 28 5.28 -13.06 -19.06
C LYS A 28 4.78 -14.20 -19.95
N ALA A 29 4.35 -13.88 -21.17
CA ALA A 29 3.87 -14.92 -22.07
C ALA A 29 4.99 -15.90 -22.43
N LYS A 30 6.21 -15.42 -22.57
CA LYS A 30 7.32 -16.35 -22.77
C LYS A 30 7.66 -17.09 -21.48
N ALA A 31 7.68 -16.38 -20.35
CA ALA A 31 7.92 -17.02 -19.07
C ALA A 31 6.96 -18.17 -18.83
N ARG A 32 5.67 -17.90 -19.08
CA ARG A 32 4.58 -18.89 -18.89
C ARG A 32 4.78 -20.11 -19.80
N ALA A 33 5.15 -19.90 -21.06
CA ALA A 33 5.31 -21.03 -21.97
C ALA A 33 6.52 -21.87 -21.59
N ILE A 34 7.55 -21.24 -21.02
CA ILE A 34 8.70 -22.01 -20.52
C ILE A 34 8.31 -22.81 -19.29
N LEU A 35 7.56 -22.20 -18.36
CA LEU A 35 7.26 -22.87 -17.10
C LEU A 35 6.24 -24.00 -17.24
N THR A 36 5.43 -24.01 -18.30
CA THR A 36 4.35 -25.01 -18.36
C THR A 36 4.71 -26.23 -19.20
N GLY A 37 5.31 -26.04 -20.37
CA GLY A 37 5.66 -27.17 -21.22
C GLY A 37 5.33 -26.99 -22.70
N LYS A 38 5.07 -25.74 -23.10
CA LYS A 38 4.72 -25.45 -24.48
C LYS A 38 5.91 -25.69 -25.42
N THR A 39 5.58 -26.00 -26.67
CA THR A 39 6.58 -26.28 -27.70
C THR A 39 7.05 -25.03 -28.44
N THR A 40 6.51 -23.85 -28.08
CA THR A 40 7.07 -22.59 -28.57
C THR A 40 8.43 -22.30 -27.94
N ASP A 41 8.66 -22.78 -26.72
CA ASP A 41 9.88 -22.49 -25.98
C ASP A 41 10.51 -23.79 -25.46
N LYS A 42 11.73 -23.66 -24.94
CA LYS A 42 12.52 -24.79 -24.52
C LYS A 42 12.66 -24.85 -23.01
N SER A 43 12.88 -26.05 -22.50
CA SER A 43 12.81 -26.30 -21.09
C SER A 43 14.04 -25.75 -20.38
N PRO A 44 13.89 -25.27 -19.14
CA PRO A 44 15.06 -24.77 -18.39
C PRO A 44 15.82 -25.90 -17.70
N PHE A 45 17.09 -25.62 -17.43
CA PHE A 45 17.87 -26.43 -16.52
C PHE A 45 17.53 -26.00 -15.10
N VAL A 46 17.42 -26.96 -14.18
CA VAL A 46 16.87 -26.71 -12.86
C VAL A 46 17.97 -26.81 -11.82
N ILE A 47 18.07 -25.78 -10.98
CA ILE A 47 19.09 -25.67 -9.95
C ILE A 47 18.34 -25.81 -8.63
N TYR A 48 18.57 -26.92 -7.93
CA TYR A 48 17.85 -27.24 -6.70
C TYR A 48 18.80 -27.60 -5.57
N ASP A 49 20.10 -27.62 -5.82
CA ASP A 49 21.10 -27.99 -4.83
C ASP A 49 22.43 -27.42 -5.31
N MET A 50 23.45 -27.53 -4.47
CA MET A 50 24.72 -26.94 -4.85
C MET A 50 25.41 -27.71 -5.96
N ASN A 51 25.09 -28.99 -6.14
CA ASN A 51 25.79 -29.73 -7.19
C ASN A 51 25.19 -29.46 -8.57
N SER A 52 23.85 -29.42 -8.66
CA SER A 52 23.24 -29.00 -9.91
C SER A 52 23.51 -27.53 -10.18
N LEU A 53 23.72 -26.74 -9.14
CA LEU A 53 24.16 -25.37 -9.35
C LEU A 53 25.47 -25.34 -10.13
N MET A 54 26.43 -26.20 -9.78
CA MET A 54 27.72 -26.21 -10.47
C MET A 54 27.62 -26.80 -11.87
N MET A 55 26.65 -27.69 -12.11
CA MET A 55 26.41 -28.14 -13.47
C MET A 55 25.72 -27.08 -14.31
N GLY A 56 25.08 -26.09 -13.68
CA GLY A 56 24.40 -25.06 -14.42
C GLY A 56 25.32 -24.24 -15.31
N GLU A 57 26.58 -24.08 -14.90
CA GLU A 57 27.52 -23.28 -15.71
C GLU A 57 28.07 -24.06 -16.89
N ASP A 58 28.21 -25.38 -16.78
CA ASP A 58 28.66 -26.12 -17.96
C ASP A 58 27.57 -26.22 -19.03
N LYS A 59 26.33 -25.82 -18.73
CA LYS A 59 25.24 -25.79 -19.70
C LYS A 59 24.82 -24.36 -20.04
N ILE A 60 24.42 -23.57 -19.04
CA ILE A 60 24.05 -22.18 -19.24
C ILE A 60 25.27 -21.29 -18.97
N LYS A 61 25.35 -20.19 -19.72
CA LYS A 61 26.38 -19.17 -19.49
C LYS A 61 25.88 -18.22 -18.40
N PHE A 62 26.57 -18.22 -17.25
CA PHE A 62 26.20 -17.36 -16.12
C PHE A 62 27.12 -16.14 -16.01
N LYS A 73 34.75 -17.41 -2.87
CA LYS A 73 33.48 -16.73 -3.08
C LYS A 73 32.34 -17.72 -2.87
N GLU A 74 31.77 -17.73 -1.67
CA GLU A 74 30.80 -18.76 -1.32
C GLU A 74 29.51 -18.56 -2.12
N VAL A 75 28.74 -19.65 -2.21
CA VAL A 75 27.66 -19.74 -3.19
C VAL A 75 26.57 -18.72 -2.90
N ALA A 76 26.16 -18.61 -1.64
CA ALA A 76 25.11 -17.65 -1.30
C ALA A 76 25.49 -16.26 -1.76
N ILE A 77 26.75 -15.88 -1.56
CA ILE A 77 27.25 -14.61 -2.06
C ILE A 77 27.12 -14.56 -3.58
N ARG A 78 27.60 -15.59 -4.26
CA ARG A 78 27.65 -15.57 -5.72
C ARG A 78 26.25 -15.55 -6.32
N ILE A 79 25.30 -16.27 -5.72
CA ILE A 79 23.91 -16.14 -6.11
C ILE A 79 23.47 -14.68 -5.96
N PHE A 80 23.80 -14.09 -4.81
CA PHE A 80 23.37 -12.72 -4.53
C PHE A 80 23.95 -11.74 -5.54
N GLN A 81 25.20 -11.93 -5.93
CA GLN A 81 25.76 -11.10 -6.99
C GLN A 81 25.00 -11.30 -8.29
N GLY A 82 24.44 -12.49 -8.49
CA GLY A 82 23.63 -12.73 -9.67
C GLY A 82 22.35 -11.92 -9.69
N CYS A 83 21.63 -11.85 -8.56
CA CYS A 83 20.45 -11.00 -8.47
C CYS A 83 20.80 -9.54 -8.67
N GLN A 84 21.89 -9.10 -8.03
CA GLN A 84 22.41 -7.75 -8.22
C GLN A 84 22.52 -7.42 -9.71
N PHE A 85 23.26 -8.26 -10.44
CA PHE A 85 23.51 -7.98 -11.85
C PHE A 85 22.21 -7.91 -12.63
N ARG A 86 21.26 -8.79 -12.28
CA ARG A 86 19.98 -8.81 -13.00
C ARG A 86 19.13 -7.59 -12.67
N SER A 87 19.14 -7.11 -11.43
CA SER A 87 18.39 -5.89 -11.12
C SER A 87 18.94 -4.69 -11.89
N VAL A 88 20.27 -4.60 -11.96
CA VAL A 88 20.88 -3.53 -12.76
C VAL A 88 20.35 -3.57 -14.18
N GLU A 89 20.29 -4.77 -14.76
CA GLU A 89 19.78 -4.91 -16.12
C GLU A 89 18.31 -4.51 -16.20
N ALA A 90 17.49 -5.01 -15.26
CA ALA A 90 16.09 -4.63 -15.20
C ALA A 90 15.94 -3.11 -15.07
N VAL A 91 16.74 -2.49 -14.21
CA VAL A 91 16.65 -1.04 -14.08
C VAL A 91 16.87 -0.39 -15.44
N GLN A 92 17.87 -0.89 -16.19
CA GLN A 92 18.13 -0.36 -17.53
C GLN A 92 16.91 -0.52 -18.42
N GLU A 93 16.27 -1.69 -18.37
CA GLU A 93 15.11 -1.94 -19.21
C GLU A 93 13.92 -1.09 -18.79
N ILE A 94 13.65 -1.02 -17.48
CA ILE A 94 12.56 -0.17 -16.97
C ILE A 94 12.81 1.28 -17.36
N THR A 95 14.06 1.76 -17.19
CA THR A 95 14.38 3.12 -17.61
C THR A 95 14.06 3.34 -19.08
N GLU A 96 14.42 2.37 -19.93
CA GLU A 96 14.10 2.52 -21.34
C GLU A 96 12.58 2.58 -21.54
N TYR A 97 11.83 1.79 -20.77
CA TYR A 97 10.38 1.76 -20.95
C TYR A 97 9.73 3.04 -20.47
N ALA A 98 10.19 3.57 -19.33
CA ALA A 98 9.68 4.83 -18.80
C ALA A 98 9.70 5.92 -19.87
N LYS A 99 10.84 6.07 -20.56
CA LYS A 99 10.98 7.14 -21.55
C LYS A 99 9.89 7.07 -22.61
N SER A 100 9.32 5.89 -22.84
CA SER A 100 8.26 5.76 -23.82
C SER A 100 6.88 6.18 -23.30
N ILE A 101 6.73 6.45 -22.00
CA ILE A 101 5.39 6.77 -21.48
C ILE A 101 5.09 8.23 -21.79
N PRO A 102 4.03 8.54 -22.54
CA PRO A 102 3.86 9.91 -23.02
C PRO A 102 3.89 10.90 -21.86
N GLY A 103 4.69 11.96 -22.04
CA GLY A 103 4.84 13.00 -21.05
C GLY A 103 5.94 12.77 -20.05
N PHE A 104 6.46 11.55 -19.94
CA PHE A 104 7.47 11.30 -18.91
C PHE A 104 8.74 12.11 -19.16
N VAL A 105 9.19 12.19 -20.42
CA VAL A 105 10.47 12.86 -20.67
C VAL A 105 10.33 14.37 -20.68
N ASN A 106 9.11 14.89 -20.71
CA ASN A 106 8.88 16.31 -20.59
C ASN A 106 8.74 16.78 -19.16
N LEU A 107 8.78 15.89 -18.19
CA LEU A 107 8.69 16.32 -16.80
C LEU A 107 10.07 16.79 -16.35
N ASP A 108 10.08 17.69 -15.39
CA ASP A 108 11.34 18.11 -14.77
C ASP A 108 12.30 16.95 -14.57
N LEU A 109 13.57 17.18 -14.90
CA LEU A 109 14.57 16.12 -14.90
C LEU A 109 14.80 15.57 -13.50
N ASN A 110 14.68 16.42 -12.47
CA ASN A 110 14.83 15.94 -11.09
C ASN A 110 13.71 14.98 -10.74
N ASP A 111 12.49 15.32 -11.14
CA ASP A 111 11.35 14.44 -10.90
C ASP A 111 11.47 13.13 -11.69
N GLN A 112 12.00 13.20 -12.91
CA GLN A 112 12.23 11.96 -13.66
C GLN A 112 13.12 11.02 -12.87
N VAL A 113 14.23 11.54 -12.34
CA VAL A 113 15.10 10.74 -11.49
C VAL A 113 14.33 10.23 -10.28
N THR A 114 13.44 11.06 -9.73
CA THR A 114 12.76 10.68 -8.50
C THR A 114 11.71 9.61 -8.74
N LEU A 115 10.97 9.69 -9.86
CA LEU A 115 10.00 8.65 -10.19
C LEU A 115 10.68 7.32 -10.42
N LEU A 116 11.78 7.34 -11.18
CA LEU A 116 12.52 6.11 -11.42
C LEU A 116 13.09 5.57 -10.12
N LYS A 117 13.69 6.45 -9.31
CA LYS A 117 14.38 6.02 -8.09
C LYS A 117 13.46 5.20 -7.18
N TYR A 118 12.21 5.64 -7.03
CA TYR A 118 11.25 4.96 -6.19
C TYR A 118 10.39 3.96 -6.93
N GLY A 119 10.22 4.13 -8.24
CA GLY A 119 9.36 3.22 -8.99
C GLY A 119 10.01 1.91 -9.37
N VAL A 120 11.34 1.86 -9.40
CA VAL A 120 12.03 0.80 -10.13
C VAL A 120 11.90 -0.54 -9.40
N HIS A 121 11.93 -0.51 -8.07
CA HIS A 121 11.88 -1.78 -7.36
C HIS A 121 10.46 -2.36 -7.32
N GLU A 122 9.46 -1.52 -7.09
CA GLU A 122 8.07 -2.01 -7.16
C GLU A 122 7.81 -2.65 -8.50
N ILE A 123 8.43 -2.11 -9.56
CA ILE A 123 8.28 -2.67 -10.88
C ILE A 123 9.02 -4.00 -11.00
N ILE A 124 10.25 -4.04 -10.52
CA ILE A 124 11.05 -5.26 -10.56
C ILE A 124 10.30 -6.42 -9.91
N TYR A 125 9.73 -6.19 -8.73
CA TYR A 125 9.05 -7.29 -8.04
C TYR A 125 7.75 -7.66 -8.74
N THR A 126 7.08 -6.69 -9.38
CA THR A 126 5.90 -7.00 -10.21
C THR A 126 6.26 -7.93 -11.36
N MET A 127 7.31 -7.59 -12.10
CA MET A 127 7.63 -8.39 -13.27
C MET A 127 8.38 -9.66 -12.90
N LEU A 128 9.08 -9.66 -11.77
CA LEU A 128 9.65 -10.89 -11.25
C LEU A 128 8.57 -11.94 -10.97
N ALA A 129 7.38 -11.53 -10.52
CA ALA A 129 6.29 -12.48 -10.37
C ALA A 129 6.00 -13.21 -11.68
N SER A 130 6.18 -12.54 -12.81
CA SER A 130 5.95 -13.19 -14.08
C SER A 130 6.86 -14.40 -14.26
N LEU A 131 8.01 -14.39 -13.62
CA LEU A 131 9.02 -15.44 -13.80
C LEU A 131 8.91 -16.52 -12.74
N MET A 132 7.91 -16.44 -11.89
CA MET A 132 7.80 -17.26 -10.69
C MET A 132 6.55 -18.13 -10.73
N ASN A 133 6.66 -19.37 -10.27
CA ASN A 133 5.52 -20.11 -9.75
C ASN A 133 5.83 -20.41 -8.29
N LYS A 134 4.94 -21.14 -7.63
CA LYS A 134 5.10 -21.36 -6.19
C LYS A 134 6.40 -22.10 -5.87
N ASP A 135 7.02 -22.75 -6.86
CA ASP A 135 8.17 -23.61 -6.65
C ASP A 135 9.50 -23.02 -7.07
N GLY A 136 9.54 -21.89 -7.76
CA GLY A 136 10.82 -21.31 -8.12
C GLY A 136 10.70 -20.16 -9.10
N VAL A 137 11.86 -19.78 -9.63
CA VAL A 137 12.00 -18.58 -10.47
C VAL A 137 12.89 -18.88 -11.67
N LEU A 138 12.43 -18.47 -12.84
CA LEU A 138 13.27 -18.51 -14.03
C LEU A 138 14.47 -17.57 -13.86
N ILE A 139 15.61 -17.98 -14.40
CA ILE A 139 16.83 -17.18 -14.37
C ILE A 139 17.54 -17.30 -15.70
N SER A 140 18.47 -16.39 -15.94
CA SER A 140 19.30 -16.38 -17.15
C SER A 140 18.45 -16.43 -18.42
N GLU A 141 17.59 -15.41 -18.55
CA GLU A 141 16.67 -15.26 -19.68
C GLU A 141 15.82 -16.50 -19.91
N GLY A 142 15.41 -17.18 -18.83
CA GLY A 142 14.60 -18.36 -18.96
C GLY A 142 15.35 -19.63 -19.30
N GLN A 143 16.69 -19.58 -19.36
CA GLN A 143 17.44 -20.80 -19.60
C GLN A 143 17.50 -21.66 -18.35
N GLY A 144 17.46 -21.03 -17.17
CA GLY A 144 17.55 -21.72 -15.90
C GLY A 144 16.25 -21.59 -15.09
N PHE A 145 16.16 -22.41 -14.06
CA PHE A 145 15.07 -22.35 -13.08
C PHE A 145 15.66 -22.69 -11.72
N MET A 146 15.63 -21.73 -10.79
CA MET A 146 16.19 -21.87 -9.45
C MET A 146 15.03 -22.09 -8.49
N THR A 147 15.01 -23.24 -7.80
CA THR A 147 13.86 -23.61 -6.96
C THR A 147 13.75 -22.71 -5.74
N ARG A 148 12.51 -22.55 -5.27
CA ARG A 148 12.25 -21.73 -4.09
C ARG A 148 13.00 -22.28 -2.88
N GLU A 149 13.05 -23.62 -2.75
CA GLU A 149 13.63 -24.23 -1.56
C GLU A 149 15.16 -24.10 -1.53
N PHE A 150 15.81 -24.24 -2.68
CA PHE A 150 17.26 -24.04 -2.70
C PHE A 150 17.60 -22.62 -2.27
N LEU A 151 16.75 -21.65 -2.63
CA LEU A 151 16.97 -20.26 -2.22
C LEU A 151 16.70 -20.08 -0.74
N LYS A 152 15.69 -20.77 -0.21
CA LYS A 152 15.36 -20.62 1.21
C LYS A 152 16.39 -21.29 2.12
N SER A 153 17.23 -22.17 1.59
CA SER A 153 18.21 -22.88 2.39
C SER A 153 19.57 -22.21 2.39
N LEU A 154 19.73 -21.08 1.71
CA LEU A 154 20.99 -20.36 1.81
C LEU A 154 21.22 -19.90 3.26
N ARG A 155 22.49 -19.60 3.56
CA ARG A 155 22.87 -19.38 4.95
C ARG A 155 22.37 -18.02 5.45
N LYS A 156 22.56 -17.81 6.77
CA LYS A 156 21.98 -16.83 7.70
C LYS A 156 21.24 -15.68 7.04
N PRO A 157 21.91 -14.66 6.44
CA PRO A 157 21.12 -13.49 5.99
C PRO A 157 20.47 -13.67 4.62
N PHE A 158 21.04 -14.53 3.78
CA PHE A 158 20.59 -14.66 2.40
C PHE A 158 19.41 -15.61 2.24
N GLY A 159 19.26 -16.60 3.12
CA GLY A 159 18.23 -17.60 2.91
C GLY A 159 16.81 -17.06 2.84
N ASP A 160 16.57 -15.85 3.32
CA ASP A 160 15.20 -15.34 3.35
C ASP A 160 15.05 -14.01 2.59
N PHE A 161 15.86 -13.77 1.55
CA PHE A 161 15.64 -12.54 0.80
C PHE A 161 14.61 -12.76 -0.31
N MET A 162 14.45 -13.99 -0.81
CA MET A 162 13.49 -14.26 -1.88
C MET A 162 12.10 -14.61 -1.39
N GLU A 163 12.00 -15.37 -0.30
CA GLU A 163 10.70 -15.85 0.20
C GLU A 163 9.59 -14.82 0.14
N PRO A 164 9.74 -13.57 0.62
CA PRO A 164 8.63 -12.62 0.49
C PRO A 164 8.24 -12.34 -0.96
N LYS A 165 9.21 -12.32 -1.89
CA LYS A 165 8.88 -12.12 -3.30
C LYS A 165 8.03 -13.27 -3.83
N PHE A 166 8.42 -14.53 -3.50
CA PHE A 166 7.58 -15.68 -3.85
C PHE A 166 6.17 -15.52 -3.27
N GLU A 167 6.07 -15.07 -2.03
CA GLU A 167 4.76 -14.95 -1.41
C GLU A 167 3.91 -13.94 -2.15
N PHE A 168 4.51 -12.80 -2.53
CA PHE A 168 3.78 -11.81 -3.30
C PHE A 168 3.38 -12.38 -4.66
N ALA A 169 4.33 -13.02 -5.34
CA ALA A 169 4.08 -13.52 -6.69
C ALA A 169 2.93 -14.51 -6.71
N VAL A 170 2.82 -15.37 -5.68
CA VAL A 170 1.75 -16.37 -5.64
C VAL A 170 0.39 -15.68 -5.60
N LYS A 171 0.30 -14.61 -4.79
CA LYS A 171 -0.96 -13.82 -4.65
C LYS A 171 -1.17 -12.97 -5.91
N PHE A 172 -0.11 -12.31 -6.40
CA PHE A 172 -0.22 -11.46 -7.58
C PHE A 172 -0.52 -12.29 -8.84
N ASN A 173 0.08 -13.47 -8.96
CA ASN A 173 -0.16 -14.29 -10.14
C ASN A 173 -1.59 -14.81 -10.20
N ALA A 174 -2.28 -14.89 -9.05
CA ALA A 174 -3.69 -15.28 -9.05
C ALA A 174 -4.57 -14.30 -9.83
N LEU A 175 -4.13 -13.05 -10.00
CA LEU A 175 -4.92 -12.09 -10.77
C LEU A 175 -4.97 -12.43 -12.25
N GLU A 176 -4.01 -13.21 -12.76
CA GLU A 176 -3.99 -13.67 -14.16
C GLU A 176 -3.82 -12.52 -15.15
N LEU A 177 -3.05 -11.51 -14.77
CA LEU A 177 -2.72 -10.46 -15.72
C LEU A 177 -1.85 -11.01 -16.85
N ASP A 178 -2.06 -10.49 -18.06
CA ASP A 178 -1.12 -10.77 -19.14
C ASP A 178 -0.33 -9.50 -19.41
N ASP A 179 0.59 -9.59 -20.38
CA ASP A 179 1.57 -8.52 -20.58
C ASP A 179 0.90 -7.19 -20.93
N SER A 180 -0.15 -7.21 -21.75
CA SER A 180 -0.79 -5.95 -22.11
C SER A 180 -1.40 -5.28 -20.89
N ASP A 181 -1.87 -6.07 -19.91
CA ASP A 181 -2.28 -5.50 -18.63
C ASP A 181 -1.10 -4.88 -17.91
N LEU A 182 0.01 -5.63 -17.82
CA LEU A 182 1.13 -5.20 -16.99
C LEU A 182 1.73 -3.92 -17.55
N ALA A 183 1.77 -3.78 -18.88
CA ALA A 183 2.40 -2.61 -19.45
C ALA A 183 1.75 -1.35 -18.91
N ILE A 184 0.42 -1.34 -18.81
CA ILE A 184 -0.23 -0.13 -18.30
C ILE A 184 0.00 0.00 -16.81
N PHE A 185 -0.05 -1.12 -16.09
CA PHE A 185 0.09 -1.10 -14.64
C PHE A 185 1.48 -0.63 -14.24
N ILE A 186 2.50 -1.07 -14.98
CA ILE A 186 3.87 -0.65 -14.75
C ILE A 186 3.98 0.86 -14.93
N ALA A 187 3.27 1.39 -15.92
CA ALA A 187 3.33 2.83 -16.18
C ALA A 187 2.66 3.61 -15.07
N VAL A 188 1.53 3.11 -14.55
CA VAL A 188 0.88 3.76 -13.40
C VAL A 188 1.83 3.84 -12.23
N ILE A 189 2.60 2.76 -11.98
CA ILE A 189 3.49 2.73 -10.82
C ILE A 189 4.53 3.84 -10.92
N ILE A 190 5.22 3.90 -12.06
CA ILE A 190 6.29 4.90 -12.30
C ILE A 190 5.70 6.32 -12.17
N LEU A 191 4.43 6.48 -12.55
CA LEU A 191 3.76 7.81 -12.48
C LEU A 191 3.04 7.96 -11.14
N SER A 192 3.79 8.00 -10.04
CA SER A 192 3.19 8.16 -8.71
C SER A 192 3.53 9.56 -8.21
N GLY A 193 2.56 10.44 -8.20
CA GLY A 193 2.83 11.78 -7.70
C GLY A 193 3.07 11.90 -6.21
N ASP A 194 3.07 10.80 -5.46
CA ASP A 194 3.26 10.85 -4.01
C ASP A 194 4.65 10.39 -3.59
N ARG A 195 5.62 10.39 -4.50
CA ARG A 195 7.00 10.03 -4.18
C ARG A 195 7.71 11.19 -3.47
N PRO A 196 8.45 10.91 -2.40
CA PRO A 196 9.05 12.00 -1.62
C PRO A 196 10.00 12.84 -2.46
N GLY A 197 9.85 14.16 -2.38
CA GLY A 197 10.76 15.08 -3.02
C GLY A 197 10.37 15.55 -4.41
N LEU A 198 9.17 15.24 -4.88
CA LEU A 198 8.78 15.65 -6.22
C LEU A 198 8.53 17.15 -6.28
N LEU A 199 8.96 17.78 -7.37
CA LEU A 199 8.86 19.23 -7.46
C LEU A 199 7.50 19.68 -7.99
N ASN A 200 7.01 19.05 -9.06
CA ASN A 200 5.74 19.47 -9.67
C ASN A 200 4.82 18.26 -9.72
N VAL A 201 4.15 18.00 -8.60
CA VAL A 201 3.29 16.83 -8.48
C VAL A 201 2.18 16.85 -9.52
N LYS A 202 1.69 18.04 -9.90
CA LYS A 202 0.45 18.09 -10.67
C LYS A 202 0.58 17.53 -12.09
N PRO A 203 1.63 17.83 -12.88
CA PRO A 203 1.74 17.20 -14.21
C PRO A 203 1.94 15.69 -14.16
N ILE A 204 2.58 15.18 -13.10
CA ILE A 204 2.66 13.74 -12.91
C ILE A 204 1.28 13.13 -12.72
N GLU A 205 0.47 13.74 -11.85
CA GLU A 205 -0.85 13.19 -11.56
C GLU A 205 -1.75 13.22 -12.80
N ASP A 206 -1.65 14.27 -13.62
CA ASP A 206 -2.43 14.31 -14.85
C ASP A 206 -2.09 13.12 -15.77
N ILE A 207 -0.80 12.77 -15.86
CA ILE A 207 -0.44 11.57 -16.61
C ILE A 207 -1.00 10.32 -15.93
N GLN A 208 -0.73 10.14 -14.64
CA GLN A 208 -1.20 8.92 -13.96
C GLN A 208 -2.71 8.77 -14.07
N ASP A 209 -3.45 9.88 -14.01
CA ASP A 209 -4.90 9.79 -14.13
C ASP A 209 -5.30 9.28 -15.50
N ASN A 210 -4.51 9.63 -16.53
CA ASN A 210 -4.79 9.13 -17.87
C ASN A 210 -4.41 7.65 -17.99
N LEU A 211 -3.28 7.26 -17.43
CA LEU A 211 -2.92 5.85 -17.35
C LEU A 211 -3.98 5.02 -16.59
N LEU A 212 -4.49 5.54 -15.46
CA LEU A 212 -5.47 4.79 -14.69
C LEU A 212 -6.75 4.59 -15.48
N GLN A 213 -7.17 5.60 -16.23
CA GLN A 213 -8.30 5.42 -17.14
C GLN A 213 -8.01 4.33 -18.16
N ALA A 214 -6.79 4.33 -18.71
CA ALA A 214 -6.42 3.32 -19.70
C ALA A 214 -6.38 1.93 -19.08
N LEU A 215 -5.79 1.80 -17.89
CA LEU A 215 -5.81 0.52 -17.16
C LEU A 215 -7.23 0.02 -16.95
N GLU A 216 -8.08 0.88 -16.39
CA GLU A 216 -9.45 0.50 -16.05
C GLU A 216 -10.18 -0.05 -17.27
N LEU A 217 -10.17 0.71 -18.37
CA LEU A 217 -10.75 0.22 -19.62
C LEU A 217 -10.13 -1.11 -20.05
N GLN A 218 -8.79 -1.19 -20.00
CA GLN A 218 -8.09 -2.40 -20.45
C GLN A 218 -8.52 -3.62 -19.64
N LEU A 219 -8.56 -3.49 -18.30
CA LEU A 219 -9.00 -4.62 -17.49
C LEU A 219 -10.44 -5.00 -17.79
N LYS A 220 -11.28 -4.01 -18.12
CA LYS A 220 -12.69 -4.31 -18.36
C LYS A 220 -12.89 -5.08 -19.66
N LEU A 221 -12.14 -4.72 -20.71
CA LEU A 221 -12.25 -5.37 -22.00
C LEU A 221 -11.49 -6.70 -22.00
N ASN A 222 -10.32 -6.73 -21.38
CA ASN A 222 -9.50 -7.94 -21.39
C ASN A 222 -10.03 -8.99 -20.41
N HIS A 223 -10.59 -8.56 -19.29
CA HIS A 223 -11.07 -9.50 -18.27
C HIS A 223 -12.52 -9.18 -17.90
N PRO A 224 -13.43 -9.29 -18.86
CA PRO A 224 -14.80 -8.80 -18.63
C PRO A 224 -15.50 -9.50 -17.49
N GLU A 225 -15.12 -10.72 -17.18
CA GLU A 225 -15.76 -11.48 -16.12
C GLU A 225 -15.07 -11.34 -14.77
N SER A 226 -13.94 -10.65 -14.68
CA SER A 226 -13.21 -10.59 -13.42
C SER A 226 -13.64 -9.33 -12.67
N SER A 227 -14.54 -9.53 -11.70
CA SER A 227 -15.18 -8.41 -11.00
C SER A 227 -14.17 -7.61 -10.19
N GLN A 228 -14.15 -6.30 -10.42
CA GLN A 228 -13.33 -5.36 -9.64
C GLN A 228 -11.84 -5.70 -9.72
N LEU A 229 -11.39 -6.29 -10.83
CA LEU A 229 -9.97 -6.57 -10.99
C LEU A 229 -9.15 -5.30 -10.86
N PHE A 230 -9.68 -4.19 -11.37
CA PHE A 230 -9.02 -2.90 -11.28
C PHE A 230 -8.73 -2.55 -9.82
N ALA A 231 -9.77 -2.59 -8.98
CA ALA A 231 -9.59 -2.31 -7.55
C ALA A 231 -8.61 -3.28 -6.91
N LYS A 232 -8.71 -4.58 -7.23
CA LYS A 232 -7.81 -5.53 -6.58
C LYS A 232 -6.38 -5.36 -7.07
N LEU A 233 -6.19 -4.92 -8.32
CA LEU A 233 -4.83 -4.67 -8.79
C LEU A 233 -4.20 -3.50 -8.05
N LEU A 234 -4.94 -2.38 -7.87
CA LEU A 234 -4.35 -1.24 -7.16
C LEU A 234 -4.07 -1.57 -5.69
N GLN A 235 -4.94 -2.36 -5.05
CA GLN A 235 -4.66 -2.78 -3.68
C GLN A 235 -3.34 -3.52 -3.60
N LYS A 236 -2.94 -4.21 -4.67
CA LYS A 236 -1.65 -4.90 -4.65
C LYS A 236 -0.47 -3.94 -4.48
N MET A 237 -0.69 -2.63 -4.68
CA MET A 237 0.42 -1.69 -4.57
C MET A 237 0.95 -1.57 -3.15
N THR A 238 0.19 -1.99 -2.14
CA THR A 238 0.75 -1.96 -0.80
C THR A 238 1.62 -3.19 -0.52
N ASP A 239 1.30 -4.31 -1.16
CA ASP A 239 2.20 -5.46 -1.07
C ASP A 239 3.59 -5.12 -1.60
N LEU A 240 3.64 -4.37 -2.70
CA LEU A 240 4.93 -4.01 -3.28
C LEU A 240 5.71 -3.13 -2.33
N ARG A 241 5.03 -2.13 -1.80
CA ARG A 241 5.73 -1.18 -0.90
C ARG A 241 6.39 -1.91 0.28
N GLN A 242 5.70 -2.88 0.88
CA GLN A 242 6.26 -3.61 2.02
C GLN A 242 7.41 -4.51 1.59
N ILE A 243 7.33 -5.05 0.36
CA ILE A 243 8.42 -5.87 -0.15
C ILE A 243 9.69 -5.04 -0.24
N VAL A 244 9.59 -3.81 -0.75
CA VAL A 244 10.74 -2.93 -0.86
C VAL A 244 11.35 -2.64 0.50
N THR A 245 10.50 -2.38 1.51
CA THR A 245 11.01 -1.97 2.82
C THR A 245 11.73 -3.12 3.51
N GLU A 246 11.18 -4.32 3.48
CA GLU A 246 11.89 -5.45 4.08
C GLU A 246 13.22 -5.68 3.39
N HIS A 247 13.26 -5.46 2.07
CA HIS A 247 14.48 -5.76 1.33
C HIS A 247 15.60 -4.79 1.68
N VAL A 248 15.30 -3.51 1.87
CA VAL A 248 16.35 -2.55 2.17
C VAL A 248 16.87 -2.75 3.59
N GLN A 249 15.99 -3.14 4.52
CA GLN A 249 16.48 -3.53 5.84
C GLN A 249 17.35 -4.77 5.77
N LEU A 250 17.08 -5.66 4.82
CA LEU A 250 17.93 -6.83 4.65
C LEU A 250 19.25 -6.46 4.00
N LEU A 251 19.26 -5.43 3.15
CA LEU A 251 20.53 -4.96 2.59
C LEU A 251 21.39 -4.28 3.65
N GLN A 252 20.77 -3.60 4.60
CA GLN A 252 21.55 -2.99 5.68
C GLN A 252 22.20 -4.03 6.57
N VAL A 253 21.62 -5.23 6.67
CA VAL A 253 22.30 -6.26 7.45
C VAL A 253 23.57 -6.72 6.74
N ILE A 254 23.49 -6.90 5.42
CA ILE A 254 24.63 -7.46 4.68
C ILE A 254 25.75 -6.43 4.48
N LYS A 255 25.44 -5.14 4.40
CA LYS A 255 26.49 -4.12 4.33
C LYS A 255 27.44 -4.24 5.52
N LYS A 256 26.93 -4.68 6.67
CA LYS A 256 27.76 -4.76 7.87
C LYS A 256 28.38 -6.13 8.12
N THR A 257 27.72 -7.22 7.74
CA THR A 257 28.29 -8.53 8.05
C THR A 257 29.23 -9.03 6.97
N GLU A 258 29.23 -8.42 5.77
CA GLU A 258 30.21 -8.72 4.72
C GLU A 258 30.74 -7.39 4.19
N THR A 259 31.65 -6.76 4.93
CA THR A 259 32.22 -5.51 4.46
C THR A 259 33.15 -5.70 3.27
N ASP A 260 33.32 -6.92 2.78
CA ASP A 260 34.13 -7.19 1.62
C ASP A 260 33.30 -7.33 0.35
N MET A 261 32.03 -6.96 0.37
CA MET A 261 31.13 -7.18 -0.76
C MET A 261 30.59 -5.86 -1.27
N SER A 262 30.48 -5.78 -2.60
CA SER A 262 30.23 -4.52 -3.29
C SER A 262 28.84 -4.52 -3.88
N LEU A 263 28.07 -3.48 -3.55
CA LEU A 263 26.81 -3.23 -4.24
C LEU A 263 27.07 -2.40 -5.49
N HIS A 264 26.34 -2.69 -6.55
CA HIS A 264 26.54 -2.00 -7.82
C HIS A 264 26.11 -0.54 -7.68
N PRO A 265 26.88 0.43 -8.19
CA PRO A 265 26.62 1.83 -7.86
C PRO A 265 25.25 2.33 -8.28
N LEU A 266 24.77 1.91 -9.45
CA LEU A 266 23.42 2.23 -9.85
C LEU A 266 22.41 1.81 -8.79
N LEU A 267 22.67 0.66 -8.13
CA LEU A 267 21.77 0.17 -7.11
C LEU A 267 21.90 0.96 -5.80
N GLN A 268 23.12 1.28 -5.36
CA GLN A 268 23.20 2.02 -4.10
C GLN A 268 22.71 3.45 -4.23
N GLU A 269 22.73 4.02 -5.45
CA GLU A 269 22.16 5.35 -5.63
C GLU A 269 20.64 5.29 -5.51
N ILE A 270 20.01 4.25 -6.06
CA ILE A 270 18.57 4.09 -5.88
C ILE A 270 18.22 3.97 -4.40
N TYR A 271 19.09 3.34 -3.62
CA TYR A 271 18.83 3.07 -2.21
C TYR A 271 19.32 4.25 -1.36
N LYS A 272 18.41 5.15 -1.01
CA LYS A 272 18.66 6.19 -0.02
C LYS A 272 17.57 6.05 1.04
N GLU B 5 -27.11 -4.49 -10.00
CA GLU B 5 -28.07 -3.41 -10.25
C GLU B 5 -27.64 -2.13 -9.55
N SER B 6 -27.76 -1.00 -10.24
CA SER B 6 -27.37 0.27 -9.62
C SER B 6 -28.34 0.67 -8.51
N ALA B 7 -29.54 0.10 -8.48
CA ALA B 7 -30.48 0.41 -7.41
C ALA B 7 -30.01 -0.18 -6.08
N ASP B 8 -29.51 -1.41 -6.09
CA ASP B 8 -29.09 -2.05 -4.85
C ASP B 8 -27.74 -1.53 -4.36
N LEU B 9 -26.92 -0.94 -5.24
CA LEU B 9 -25.71 -0.25 -4.78
C LEU B 9 -26.07 1.01 -4.02
N ARG B 10 -26.98 1.83 -4.56
CA ARG B 10 -27.44 3.02 -3.84
C ARG B 10 -28.12 2.65 -2.54
N ALA B 11 -28.80 1.51 -2.49
CA ALA B 11 -29.43 1.08 -1.23
C ALA B 11 -28.38 0.72 -0.19
N LEU B 12 -27.41 -0.09 -0.60
CA LEU B 12 -26.28 -0.42 0.27
C LEU B 12 -25.53 0.84 0.71
N ALA B 13 -25.28 1.76 -0.23
CA ALA B 13 -24.62 3.02 0.11
C ALA B 13 -25.40 3.77 1.18
N LYS B 14 -26.74 3.85 1.01
CA LYS B 14 -27.58 4.56 1.97
C LYS B 14 -27.61 3.85 3.32
N HIS B 15 -27.66 2.51 3.30
CA HIS B 15 -27.65 1.76 4.55
C HIS B 15 -26.38 2.07 5.34
N LEU B 16 -25.24 2.08 4.66
CA LEU B 16 -23.98 2.30 5.36
C LEU B 16 -23.89 3.72 5.91
N TYR B 17 -24.39 4.70 5.16
CA TYR B 17 -24.36 6.07 5.65
C TYR B 17 -25.19 6.23 6.93
N ASP B 18 -26.46 5.78 6.91
CA ASP B 18 -27.28 5.85 8.13
C ASP B 18 -26.61 5.12 9.29
N SER B 19 -26.07 3.92 9.04
CA SER B 19 -25.39 3.18 10.10
C SER B 19 -24.13 3.90 10.59
N TYR B 20 -23.40 4.53 9.67
CA TYR B 20 -22.23 5.33 10.04
C TYR B 20 -22.62 6.53 10.90
N ILE B 21 -23.73 7.20 10.56
CA ILE B 21 -24.20 8.32 11.39
C ILE B 21 -24.58 7.84 12.78
N LYS B 22 -25.24 6.70 12.88
CA LYS B 22 -25.64 6.22 14.19
C LYS B 22 -24.43 5.83 15.04
N SER B 23 -23.36 5.32 14.41
CA SER B 23 -22.24 4.72 15.11
C SER B 23 -21.14 5.72 15.46
N PHE B 24 -20.98 6.78 14.71
CA PHE B 24 -19.91 7.71 15.02
C PHE B 24 -20.49 9.05 15.44
N PRO B 25 -20.35 9.43 16.70
CA PRO B 25 -20.81 10.76 17.15
C PRO B 25 -20.34 11.90 16.28
N LEU B 26 -19.02 12.12 16.21
CA LEU B 26 -18.48 13.31 15.56
C LEU B 26 -18.22 13.03 14.08
N THR B 27 -19.14 13.45 13.22
CA THR B 27 -19.01 13.20 11.79
C THR B 27 -18.09 14.23 11.14
N LYS B 28 -17.70 13.94 9.89
CA LYS B 28 -16.81 14.86 9.20
C LYS B 28 -17.50 16.20 8.92
N ALA B 29 -18.76 16.17 8.48
CA ALA B 29 -19.48 17.43 8.27
C ALA B 29 -19.47 18.28 9.53
N LYS B 30 -19.75 17.64 10.68
CA LYS B 30 -19.75 18.36 11.96
C LYS B 30 -18.36 18.86 12.29
N ALA B 31 -17.34 17.99 12.19
CA ALA B 31 -15.97 18.41 12.46
C ALA B 31 -15.54 19.56 11.56
N ARG B 32 -16.05 19.59 10.32
CA ARG B 32 -15.66 20.66 9.39
C ARG B 32 -16.30 21.98 9.78
N ALA B 33 -17.55 21.97 10.21
CA ALA B 33 -18.18 23.19 10.70
C ALA B 33 -17.37 23.79 11.84
N ILE B 34 -17.01 22.97 12.82
CA ILE B 34 -16.22 23.44 13.96
C ILE B 34 -14.88 24.01 13.49
N LEU B 35 -14.25 23.38 12.51
CA LEU B 35 -12.85 23.65 12.20
C LEU B 35 -12.66 24.92 11.39
N THR B 36 -11.95 24.81 10.27
CA THR B 36 -11.70 25.93 9.36
C THR B 36 -12.99 26.67 9.00
N GLY B 37 -14.15 26.01 9.08
CA GLY B 37 -15.44 26.68 9.08
C GLY B 37 -15.62 27.63 10.25
N LYS B 38 -16.87 27.84 10.69
CA LYS B 38 -17.13 28.77 11.82
C LYS B 38 -18.54 28.58 12.40
N SER B 43 -17.24 27.78 19.88
CA SER B 43 -15.80 27.68 19.56
C SER B 43 -15.12 26.69 20.52
N PRO B 44 -14.30 25.74 20.02
CA PRO B 44 -13.62 24.77 20.89
C PRO B 44 -12.41 25.39 21.59
N PHE B 45 -12.10 24.91 22.80
CA PHE B 45 -10.98 25.42 23.56
C PHE B 45 -9.68 24.97 22.90
N VAL B 46 -8.81 25.91 22.59
CA VAL B 46 -7.59 25.60 21.84
C VAL B 46 -6.45 25.33 22.80
N ILE B 47 -5.69 24.27 22.53
CA ILE B 47 -4.48 23.96 23.28
C ILE B 47 -3.30 24.19 22.35
N TYR B 48 -2.49 25.21 22.70
CA TYR B 48 -1.28 25.58 21.99
C TYR B 48 -0.09 25.57 22.91
N ASP B 49 -0.33 25.46 24.22
CA ASP B 49 0.61 25.80 25.28
C ASP B 49 0.53 24.78 26.40
N MET B 50 1.64 24.59 27.10
CA MET B 50 1.58 23.93 28.41
C MET B 50 0.55 24.62 29.29
N ASN B 51 0.60 25.95 29.35
CA ASN B 51 -0.31 26.69 30.22
C ASN B 51 -1.76 26.53 29.77
N SER B 52 -2.01 26.53 28.46
CA SER B 52 -3.38 26.34 27.98
C SER B 52 -3.81 24.88 28.10
N LEU B 53 -2.87 23.94 28.04
CA LEU B 53 -3.22 22.55 28.34
C LEU B 53 -3.76 22.43 29.75
N MET B 54 -3.03 22.98 30.73
CA MET B 54 -3.47 22.93 32.12
C MET B 54 -4.87 23.52 32.27
N MET B 55 -5.10 24.68 31.66
CA MET B 55 -6.43 25.27 31.70
C MET B 55 -7.44 24.34 31.04
N GLY B 56 -7.01 23.65 29.99
CA GLY B 56 -7.93 22.75 29.29
C GLY B 56 -8.43 21.63 30.17
N GLU B 57 -7.52 20.97 30.89
CA GLU B 57 -7.92 19.91 31.80
C GLU B 57 -8.97 20.40 32.81
N ASP B 58 -8.80 21.62 33.32
CA ASP B 58 -9.62 22.13 34.41
C ASP B 58 -10.98 22.61 33.95
N LYS B 59 -11.14 22.94 32.68
CA LYS B 59 -12.44 23.36 32.17
C LYS B 59 -13.14 22.28 31.37
N ILE B 60 -12.50 21.74 30.33
CA ILE B 60 -12.97 20.53 29.67
C ILE B 60 -12.36 19.36 30.45
N LYS B 61 -13.09 18.93 31.49
CA LYS B 61 -12.60 17.86 32.35
C LYS B 61 -12.47 16.57 31.56
N PHE B 62 -11.24 16.24 31.18
CA PHE B 62 -11.00 15.03 30.41
C PHE B 62 -11.30 13.79 31.24
N LYS B 63 -11.57 12.66 30.57
CA LYS B 63 -12.01 11.45 31.30
C LYS B 63 -10.88 10.47 31.61
N HIS B 64 -9.72 10.63 30.96
CA HIS B 64 -8.59 9.73 31.15
C HIS B 64 -7.65 10.15 32.29
N ILE B 65 -7.92 11.28 32.96
CA ILE B 65 -7.03 11.79 34.00
C ILE B 65 -6.96 10.81 35.18
N GLU B 74 4.53 13.16 33.44
CA GLU B 74 4.82 14.27 32.52
C GLU B 74 3.63 14.55 31.60
N VAL B 75 3.72 15.70 30.93
CA VAL B 75 2.65 16.13 30.04
C VAL B 75 2.61 15.27 28.79
N ALA B 76 3.78 14.97 28.22
CA ALA B 76 3.82 14.14 27.01
C ALA B 76 3.16 12.77 27.25
N ILE B 77 3.37 12.19 28.43
CA ILE B 77 2.78 10.90 28.75
C ILE B 77 1.27 11.02 28.87
N ARG B 78 0.80 12.00 29.66
CA ARG B 78 -0.64 12.19 29.85
C ARG B 78 -1.35 12.35 28.51
N ILE B 79 -0.70 13.02 27.56
CA ILE B 79 -1.27 13.21 26.23
C ILE B 79 -1.26 11.90 25.45
N PHE B 80 -0.17 11.15 25.52
CA PHE B 80 -0.12 9.86 24.83
C PHE B 80 -1.19 8.91 25.35
N GLN B 81 -1.26 8.74 26.67
CA GLN B 81 -2.27 7.89 27.25
C GLN B 81 -3.67 8.40 26.97
N GLY B 82 -3.84 9.72 26.83
CA GLY B 82 -5.13 10.25 26.43
C GLY B 82 -5.50 9.82 25.03
N CYS B 83 -4.53 9.87 24.11
CA CYS B 83 -4.74 9.32 22.77
C CYS B 83 -5.09 7.84 22.84
N GLN B 84 -4.48 7.10 23.77
CA GLN B 84 -4.77 5.67 23.93
C GLN B 84 -6.21 5.48 24.36
N PHE B 85 -6.64 6.25 25.35
CA PHE B 85 -8.02 6.21 25.80
C PHE B 85 -8.99 6.35 24.64
N ARG B 86 -8.81 7.39 23.81
CA ARG B 86 -9.80 7.67 22.76
C ARG B 86 -9.78 6.58 21.71
N SER B 87 -8.61 5.98 21.46
CA SER B 87 -8.51 4.91 20.49
C SER B 87 -9.36 3.71 20.89
N VAL B 88 -9.36 3.38 22.18
CA VAL B 88 -10.18 2.27 22.65
C VAL B 88 -11.67 2.60 22.52
N GLU B 89 -12.07 3.85 22.80
CA GLU B 89 -13.47 4.21 22.51
C GLU B 89 -13.79 3.98 21.05
N ALA B 90 -12.95 4.52 20.16
CA ALA B 90 -13.18 4.39 18.72
C ALA B 90 -13.33 2.93 18.31
N VAL B 91 -12.48 2.05 18.84
CA VAL B 91 -12.60 0.61 18.54
C VAL B 91 -14.04 0.14 18.71
N GLN B 92 -14.68 0.51 19.84
CA GLN B 92 -16.06 0.06 20.06
C GLN B 92 -17.02 0.65 19.04
N GLU B 93 -16.84 1.93 18.67
CA GLU B 93 -17.71 2.51 17.66
C GLU B 93 -17.55 1.78 16.33
N ILE B 94 -16.30 1.44 15.96
CA ILE B 94 -16.04 0.75 14.70
C ILE B 94 -16.60 -0.65 14.72
N THR B 95 -16.43 -1.35 15.85
CA THR B 95 -17.02 -2.68 15.99
C THR B 95 -18.52 -2.64 15.76
N GLU B 96 -19.18 -1.62 16.29
CA GLU B 96 -20.62 -1.58 16.13
C GLU B 96 -21.00 -1.25 14.69
N TYR B 97 -20.26 -0.34 14.06
CA TYR B 97 -20.47 -0.08 12.64
C TYR B 97 -20.25 -1.33 11.80
N ALA B 98 -19.19 -2.09 12.09
CA ALA B 98 -18.91 -3.30 11.32
C ALA B 98 -20.09 -4.25 11.33
N LYS B 99 -20.79 -4.34 12.46
CA LYS B 99 -21.87 -5.31 12.56
C LYS B 99 -23.03 -4.98 11.64
N SER B 100 -23.20 -3.72 11.25
CA SER B 100 -24.23 -3.33 10.30
C SER B 100 -23.86 -3.56 8.83
N ILE B 101 -22.61 -3.86 8.49
CA ILE B 101 -22.29 -4.11 7.09
C ILE B 101 -22.92 -5.42 6.66
N PRO B 102 -23.78 -5.42 5.64
CA PRO B 102 -24.44 -6.67 5.22
C PRO B 102 -23.46 -7.79 4.98
N GLY B 103 -23.77 -8.96 5.55
CA GLY B 103 -22.94 -10.13 5.45
C GLY B 103 -21.90 -10.29 6.54
N PHE B 104 -21.56 -9.23 7.28
CA PHE B 104 -20.44 -9.31 8.21
C PHE B 104 -20.75 -10.25 9.39
N VAL B 105 -21.96 -10.15 9.96
CA VAL B 105 -22.21 -10.93 11.18
C VAL B 105 -22.30 -12.41 10.84
N ASN B 106 -22.67 -12.71 9.60
CA ASN B 106 -22.79 -14.08 9.11
C ASN B 106 -21.46 -14.72 8.80
N LEU B 107 -20.35 -14.01 8.94
CA LEU B 107 -19.05 -14.62 8.78
C LEU B 107 -18.68 -15.40 10.02
N ASP B 108 -17.86 -16.41 9.84
CA ASP B 108 -17.12 -17.06 10.93
C ASP B 108 -16.63 -16.06 11.96
N LEU B 109 -16.95 -16.32 13.24
CA LEU B 109 -16.69 -15.35 14.30
C LEU B 109 -15.20 -15.07 14.48
N ASN B 110 -14.34 -16.08 14.28
CA ASN B 110 -12.90 -15.83 14.33
C ASN B 110 -12.48 -14.87 13.21
N ASP B 111 -13.12 -14.96 12.05
CA ASP B 111 -12.76 -14.09 10.95
C ASP B 111 -13.21 -12.67 11.25
N GLN B 112 -14.44 -12.51 11.77
CA GLN B 112 -14.89 -11.23 12.27
C GLN B 112 -13.87 -10.60 13.20
N VAL B 113 -13.42 -11.37 14.19
CA VAL B 113 -12.48 -10.83 15.16
C VAL B 113 -11.18 -10.46 14.48
N THR B 114 -10.76 -11.27 13.51
CA THR B 114 -9.51 -11.03 12.79
C THR B 114 -9.58 -9.77 11.93
N LEU B 115 -10.70 -9.57 11.21
CA LEU B 115 -10.87 -8.36 10.39
C LEU B 115 -10.84 -7.10 11.25
N LEU B 116 -11.58 -7.14 12.37
CA LEU B 116 -11.65 -5.98 13.30
C LEU B 116 -10.27 -5.72 13.93
N LYS B 117 -9.54 -6.79 14.26
CA LYS B 117 -8.22 -6.65 14.89
C LYS B 117 -7.23 -5.94 13.97
N TYR B 118 -7.20 -6.30 12.68
CA TYR B 118 -6.26 -5.68 11.76
C TYR B 118 -6.82 -4.48 11.04
N GLY B 119 -8.13 -4.26 11.11
CA GLY B 119 -8.72 -3.18 10.34
C GLY B 119 -8.80 -1.88 11.12
N VAL B 120 -8.72 -1.99 12.44
CA VAL B 120 -9.15 -0.90 13.31
C VAL B 120 -8.15 0.26 13.28
N HIS B 121 -6.86 -0.02 13.17
CA HIS B 121 -5.90 1.07 13.16
C HIS B 121 -6.03 1.90 11.88
N GLU B 122 -6.22 1.23 10.74
CA GLU B 122 -6.40 1.94 9.48
C GLU B 122 -7.65 2.81 9.53
N ILE B 123 -8.74 2.28 10.10
CA ILE B 123 -9.97 3.05 10.18
C ILE B 123 -9.77 4.27 11.08
N ILE B 124 -9.11 4.06 12.21
CA ILE B 124 -8.85 5.15 13.15
C ILE B 124 -8.14 6.30 12.44
N TYR B 125 -7.06 6.00 11.71
CA TYR B 125 -6.30 7.06 11.08
C TYR B 125 -7.09 7.70 9.94
N THR B 126 -7.84 6.89 9.20
CA THR B 126 -8.76 7.48 8.24
C THR B 126 -9.72 8.46 8.91
N MET B 127 -10.27 8.09 10.07
CA MET B 127 -11.28 8.96 10.65
C MET B 127 -10.67 10.12 11.39
N LEU B 128 -9.45 9.96 11.90
CA LEU B 128 -8.72 11.09 12.45
C LEU B 128 -8.54 12.18 11.40
N ALA B 129 -8.29 11.80 10.14
CA ALA B 129 -8.13 12.83 9.12
C ALA B 129 -9.32 13.78 9.12
N SER B 130 -10.52 13.23 9.35
CA SER B 130 -11.73 14.05 9.38
C SER B 130 -11.66 15.12 10.45
N LEU B 131 -10.95 14.88 11.55
CA LEU B 131 -10.85 15.83 12.65
C LEU B 131 -9.62 16.72 12.53
N MET B 132 -8.86 16.62 11.43
CA MET B 132 -7.60 17.31 11.33
C MET B 132 -7.64 18.33 10.20
N ASN B 133 -6.85 19.40 10.39
CA ASN B 133 -6.42 20.28 9.32
C ASN B 133 -4.91 20.41 9.44
N LYS B 134 -4.28 21.20 8.56
CA LYS B 134 -2.83 21.30 8.61
C LYS B 134 -2.34 21.92 9.90
N ASP B 135 -3.22 22.58 10.67
CA ASP B 135 -2.79 23.26 11.89
C ASP B 135 -3.16 22.55 13.19
N GLY B 136 -3.94 21.47 13.15
CA GLY B 136 -4.19 20.74 14.38
C GLY B 136 -5.37 19.79 14.26
N VAL B 137 -5.86 19.34 15.42
CA VAL B 137 -6.75 18.18 15.50
C VAL B 137 -7.81 18.41 16.58
N LEU B 138 -9.07 18.22 16.20
CA LEU B 138 -10.17 18.29 17.14
C LEU B 138 -10.06 17.20 18.20
N ILE B 139 -10.22 17.60 19.46
CA ILE B 139 -10.05 16.74 20.62
C ILE B 139 -11.37 16.69 21.40
N SER B 140 -11.61 15.56 22.06
CA SER B 140 -12.68 15.40 23.04
C SER B 140 -14.05 15.79 22.49
N GLU B 141 -14.51 14.99 21.54
CA GLU B 141 -15.81 15.21 20.88
C GLU B 141 -15.96 16.62 20.32
N GLY B 142 -14.85 17.24 19.93
CA GLY B 142 -14.89 18.53 19.29
C GLY B 142 -14.84 19.71 20.23
N GLN B 143 -14.89 19.49 21.54
CA GLN B 143 -14.80 20.61 22.47
C GLN B 143 -13.39 21.17 22.60
N GLY B 144 -12.40 20.56 21.95
CA GLY B 144 -11.05 21.05 22.04
C GLY B 144 -10.37 21.01 20.68
N PHE B 145 -9.21 21.64 20.61
CA PHE B 145 -8.38 21.66 19.43
C PHE B 145 -6.95 21.72 19.93
N MET B 146 -6.16 20.69 19.64
CA MET B 146 -4.76 20.68 20.00
C MET B 146 -3.94 20.98 18.75
N THR B 147 -3.08 21.99 18.85
CA THR B 147 -2.40 22.47 17.66
C THR B 147 -1.28 21.50 17.26
N ARG B 148 -1.01 21.49 15.95
CA ARG B 148 0.03 20.62 15.44
C ARG B 148 1.39 20.99 16.00
N GLU B 149 1.58 22.27 16.32
CA GLU B 149 2.89 22.75 16.78
C GLU B 149 3.14 22.34 18.22
N PHE B 150 2.09 22.41 19.05
CA PHE B 150 2.20 21.95 20.44
C PHE B 150 2.54 20.46 20.50
N LEU B 151 1.92 19.66 19.62
CA LEU B 151 2.21 18.22 19.60
C LEU B 151 3.61 17.94 19.08
N LYS B 152 4.05 18.69 18.07
CA LYS B 152 5.39 18.49 17.53
C LYS B 152 6.49 18.83 18.55
N SER B 153 6.17 19.59 19.60
CA SER B 153 7.16 20.09 20.54
C SER B 153 7.34 19.22 21.77
N LEU B 154 6.88 17.97 21.73
CA LEU B 154 6.93 17.13 22.91
C LEU B 154 8.24 16.34 23.00
N ARG B 155 8.36 15.53 24.06
CA ARG B 155 9.60 14.87 24.52
C ARG B 155 10.14 13.79 23.58
N LYS B 156 10.98 12.95 24.19
CA LYS B 156 11.71 11.83 23.55
C LYS B 156 11.09 11.47 22.20
N PRO B 157 10.10 10.55 22.14
CA PRO B 157 9.57 10.00 20.89
C PRO B 157 8.18 10.56 20.65
N PHE B 158 7.65 11.38 21.58
CA PHE B 158 6.25 11.79 21.56
C PHE B 158 6.01 12.95 20.61
N GLY B 159 6.99 13.82 20.43
CA GLY B 159 6.88 14.90 19.45
C GLY B 159 6.77 14.41 18.02
N ASP B 160 7.02 13.13 17.77
CA ASP B 160 6.94 12.53 16.45
C ASP B 160 5.74 11.59 16.31
N PHE B 161 4.88 11.50 17.32
CA PHE B 161 3.78 10.55 17.25
C PHE B 161 2.74 10.97 16.21
N MET B 162 2.29 12.23 16.27
CA MET B 162 1.17 12.65 15.42
C MET B 162 1.60 13.28 14.10
N GLU B 163 2.86 13.71 13.98
CA GLU B 163 3.32 14.34 12.73
C GLU B 163 3.04 13.50 11.50
N PRO B 164 3.33 12.19 11.47
CA PRO B 164 2.99 11.43 10.25
C PRO B 164 1.50 11.36 9.98
N LYS B 165 0.64 11.32 11.00
CA LYS B 165 -0.80 11.34 10.73
C LYS B 165 -1.26 12.68 10.17
N PHE B 166 -0.64 13.79 10.61
CA PHE B 166 -0.94 15.09 10.03
C PHE B 166 -0.57 15.11 8.55
N GLU B 167 0.57 14.51 8.20
CA GLU B 167 1.00 14.48 6.80
C GLU B 167 0.06 13.63 5.98
N PHE B 168 -0.33 12.46 6.49
CA PHE B 168 -1.35 11.66 5.82
C PHE B 168 -2.64 12.44 5.65
N ALA B 169 -3.08 13.11 6.72
CA ALA B 169 -4.39 13.77 6.72
C ALA B 169 -4.47 14.89 5.69
N VAL B 170 -3.46 15.77 5.68
CA VAL B 170 -3.43 16.83 4.68
C VAL B 170 -3.60 16.25 3.28
N LYS B 171 -2.83 15.21 2.97
CA LYS B 171 -2.95 14.59 1.66
C LYS B 171 -4.28 13.86 1.51
N PHE B 172 -4.75 13.18 2.57
CA PHE B 172 -6.04 12.49 2.47
C PHE B 172 -7.19 13.49 2.32
N ASN B 173 -7.16 14.56 3.11
CA ASN B 173 -8.26 15.52 3.10
C ASN B 173 -8.36 16.27 1.78
N ALA B 174 -7.28 16.27 0.98
CA ALA B 174 -7.31 16.90 -0.34
C ALA B 174 -8.30 16.20 -1.28
N LEU B 175 -8.66 14.96 -0.99
CA LEU B 175 -9.68 14.30 -1.78
C LEU B 175 -11.06 14.87 -1.52
N GLU B 176 -11.21 15.67 -0.47
CA GLU B 176 -12.49 16.29 -0.09
C GLU B 176 -13.64 15.28 -0.12
N LEU B 177 -13.39 14.08 0.43
CA LEU B 177 -14.48 13.14 0.61
C LEU B 177 -15.43 13.62 1.68
N ASP B 178 -16.67 13.14 1.62
CA ASP B 178 -17.59 13.42 2.71
C ASP B 178 -17.99 12.12 3.40
N ASP B 179 -18.81 12.26 4.45
CA ASP B 179 -19.22 11.12 5.26
C ASP B 179 -19.82 10.00 4.43
N SER B 180 -20.66 10.34 3.44
CA SER B 180 -21.31 9.29 2.67
C SER B 180 -20.29 8.49 1.85
N ASP B 181 -19.27 9.16 1.31
CA ASP B 181 -18.14 8.44 0.72
C ASP B 181 -17.42 7.60 1.77
N LEU B 182 -17.00 8.23 2.87
CA LEU B 182 -16.20 7.55 3.88
C LEU B 182 -16.88 6.29 4.41
N ALA B 183 -18.22 6.33 4.58
CA ALA B 183 -18.93 5.19 5.13
C ALA B 183 -18.68 3.92 4.31
N ILE B 184 -18.70 4.03 2.98
CA ILE B 184 -18.41 2.86 2.16
C ILE B 184 -16.93 2.49 2.23
N PHE B 185 -16.06 3.52 2.21
CA PHE B 185 -14.62 3.29 2.26
C PHE B 185 -14.22 2.59 3.57
N ILE B 186 -14.72 3.07 4.70
CA ILE B 186 -14.52 2.39 5.98
C ILE B 186 -14.82 0.90 5.83
N ALA B 187 -15.91 0.58 5.15
CA ALA B 187 -16.37 -0.79 5.06
C ALA B 187 -15.45 -1.64 4.18
N VAL B 188 -14.93 -1.08 3.06
CA VAL B 188 -14.04 -1.89 2.25
C VAL B 188 -12.77 -2.20 3.02
N ILE B 189 -12.29 -1.23 3.84
CA ILE B 189 -11.14 -1.48 4.70
C ILE B 189 -11.41 -2.66 5.63
N ILE B 190 -12.61 -2.73 6.22
CA ILE B 190 -12.86 -3.79 7.20
C ILE B 190 -12.86 -5.16 6.51
N LEU B 191 -13.47 -5.24 5.34
CA LEU B 191 -13.60 -6.51 4.62
C LEU B 191 -12.39 -6.78 3.71
N SER B 192 -11.17 -6.71 4.25
CA SER B 192 -9.96 -7.01 3.51
C SER B 192 -9.65 -8.51 3.59
N GLY B 193 -9.71 -9.21 2.47
CA GLY B 193 -9.44 -10.63 2.45
C GLY B 193 -8.00 -11.06 2.63
N ASP B 194 -7.08 -10.12 2.88
CA ASP B 194 -5.67 -10.46 2.99
C ASP B 194 -5.12 -10.32 4.40
N ARG B 195 -6.00 -10.20 5.41
CA ARG B 195 -5.51 -10.17 6.79
C ARG B 195 -4.94 -11.53 7.19
N PRO B 196 -3.93 -11.54 8.05
CA PRO B 196 -3.33 -12.81 8.44
C PRO B 196 -4.30 -13.65 9.26
N GLY B 197 -4.39 -14.93 8.90
CA GLY B 197 -5.10 -15.89 9.70
C GLY B 197 -6.58 -16.05 9.38
N LEU B 198 -7.08 -15.45 8.29
CA LEU B 198 -8.49 -15.63 7.98
C LEU B 198 -8.75 -17.10 7.65
N LEU B 199 -9.96 -17.58 7.95
CA LEU B 199 -10.28 -18.97 7.71
C LEU B 199 -11.09 -19.19 6.45
N ASN B 200 -11.97 -18.26 6.10
CA ASN B 200 -12.79 -18.39 4.90
C ASN B 200 -12.78 -17.06 4.14
N VAL B 201 -11.79 -16.89 3.27
CA VAL B 201 -11.59 -15.62 2.57
C VAL B 201 -12.72 -15.31 1.59
N LYS B 202 -13.31 -16.33 0.98
CA LYS B 202 -14.23 -16.09 -0.13
C LYS B 202 -15.42 -15.20 0.24
N PRO B 203 -16.14 -15.42 1.34
CA PRO B 203 -17.26 -14.52 1.65
C PRO B 203 -16.80 -13.10 1.95
N ILE B 204 -15.64 -12.95 2.59
CA ILE B 204 -15.07 -11.63 2.82
C ILE B 204 -14.85 -10.90 1.49
N GLU B 205 -14.11 -11.52 0.58
CA GLU B 205 -13.85 -10.86 -0.70
C GLU B 205 -15.13 -10.68 -1.49
N ASP B 206 -16.09 -11.58 -1.34
CA ASP B 206 -17.37 -11.39 -2.04
C ASP B 206 -18.06 -10.12 -1.56
N ILE B 207 -18.02 -9.87 -0.26
CA ILE B 207 -18.62 -8.65 0.27
C ILE B 207 -17.82 -7.42 -0.14
N GLN B 208 -16.49 -7.49 -0.09
CA GLN B 208 -15.70 -6.32 -0.46
C GLN B 208 -15.92 -5.95 -1.92
N ASP B 209 -16.06 -6.94 -2.81
CA ASP B 209 -16.36 -6.63 -4.20
C ASP B 209 -17.67 -5.87 -4.30
N ASN B 210 -18.69 -6.34 -3.59
CA ASN B 210 -19.96 -5.63 -3.54
C ASN B 210 -19.78 -4.22 -2.97
N LEU B 211 -19.03 -4.10 -1.87
CA LEU B 211 -18.73 -2.78 -1.30
C LEU B 211 -17.93 -1.92 -2.28
N LEU B 212 -16.99 -2.51 -3.01
CA LEU B 212 -16.19 -1.72 -3.93
C LEU B 212 -17.03 -1.18 -5.08
N GLN B 213 -18.00 -1.97 -5.56
CA GLN B 213 -18.92 -1.47 -6.56
C GLN B 213 -19.75 -0.31 -6.01
N ALA B 214 -20.22 -0.45 -4.77
CA ALA B 214 -21.00 0.64 -4.19
C ALA B 214 -20.16 1.90 -4.10
N LEU B 215 -18.90 1.76 -3.66
CA LEU B 215 -18.05 2.94 -3.52
C LEU B 215 -17.78 3.58 -4.88
N GLU B 216 -17.51 2.77 -5.90
CA GLU B 216 -17.26 3.30 -7.23
C GLU B 216 -18.45 4.09 -7.75
N LEU B 217 -19.67 3.54 -7.58
CA LEU B 217 -20.86 4.27 -8.01
C LEU B 217 -21.04 5.54 -7.17
N GLN B 218 -20.87 5.42 -5.85
CA GLN B 218 -21.00 6.57 -4.96
C GLN B 218 -20.07 7.70 -5.40
N LEU B 219 -18.80 7.40 -5.67
CA LEU B 219 -17.87 8.45 -6.04
C LEU B 219 -18.17 9.02 -7.43
N LYS B 220 -18.73 8.23 -8.35
CA LYS B 220 -19.06 8.77 -9.67
C LYS B 220 -20.26 9.72 -9.60
N LEU B 221 -21.31 9.35 -8.85
CA LEU B 221 -22.47 10.23 -8.73
C LEU B 221 -22.15 11.45 -7.87
N ASN B 222 -21.41 11.26 -6.78
CA ASN B 222 -21.19 12.31 -5.80
C ASN B 222 -20.06 13.25 -6.18
N HIS B 223 -19.12 12.80 -7.01
CA HIS B 223 -17.98 13.60 -7.41
C HIS B 223 -17.77 13.42 -8.91
N PRO B 224 -18.76 13.82 -9.72
CA PRO B 224 -18.69 13.48 -11.16
C PRO B 224 -17.55 14.15 -11.89
N GLU B 225 -17.02 15.24 -11.34
CA GLU B 225 -15.94 16.00 -11.96
C GLU B 225 -14.56 15.54 -11.51
N SER B 226 -14.49 14.61 -10.56
CA SER B 226 -13.26 14.28 -9.85
C SER B 226 -12.75 12.99 -10.49
N SER B 227 -11.82 13.15 -11.43
CA SER B 227 -11.44 12.04 -12.30
C SER B 227 -10.68 10.97 -11.52
N GLN B 228 -11.09 9.72 -11.67
CA GLN B 228 -10.40 8.57 -11.09
C GLN B 228 -10.22 8.73 -9.58
N LEU B 229 -11.17 9.40 -8.92
CA LEU B 229 -11.20 9.45 -7.45
C LEU B 229 -11.18 8.04 -6.85
N PHE B 230 -11.98 7.13 -7.39
CA PHE B 230 -11.97 5.73 -6.97
C PHE B 230 -10.54 5.21 -6.87
N ALA B 231 -9.82 5.24 -8.00
CA ALA B 231 -8.42 4.87 -8.05
C ALA B 231 -7.60 5.61 -7.00
N LYS B 232 -7.74 6.93 -6.93
CA LYS B 232 -6.90 7.71 -6.03
C LYS B 232 -7.16 7.35 -4.58
N LEU B 233 -8.42 7.06 -4.24
CA LEU B 233 -8.77 6.69 -2.87
C LEU B 233 -8.25 5.30 -2.55
N LEU B 234 -8.29 4.38 -3.51
CA LEU B 234 -7.72 3.05 -3.32
C LEU B 234 -6.21 3.10 -3.15
N GLN B 235 -5.54 4.06 -3.80
CA GLN B 235 -4.10 4.17 -3.63
C GLN B 235 -3.75 4.66 -2.23
N LYS B 236 -4.65 5.44 -1.64
CA LYS B 236 -4.41 5.93 -0.28
C LYS B 236 -4.17 4.79 0.70
N MET B 237 -4.74 3.61 0.44
CA MET B 237 -4.59 2.51 1.39
C MET B 237 -3.15 2.04 1.55
N THR B 238 -2.24 2.37 0.63
CA THR B 238 -0.84 2.10 0.92
C THR B 238 -0.28 3.10 1.93
N ASP B 239 -0.77 4.34 1.92
CA ASP B 239 -0.33 5.30 2.93
C ASP B 239 -0.91 4.98 4.30
N LEU B 240 -2.09 4.35 4.36
CA LEU B 240 -2.64 3.91 5.64
C LEU B 240 -1.78 2.81 6.24
N ARG B 241 -1.50 1.76 5.45
CA ARG B 241 -0.80 0.60 6.03
C ARG B 241 0.62 0.98 6.43
N GLN B 242 1.28 1.84 5.66
CA GLN B 242 2.59 2.33 6.07
C GLN B 242 2.50 3.16 7.35
N ILE B 243 1.44 3.95 7.50
CA ILE B 243 1.22 4.70 8.72
C ILE B 243 1.08 3.76 9.91
N VAL B 244 0.33 2.68 9.75
CA VAL B 244 0.10 1.74 10.85
C VAL B 244 1.39 1.00 11.21
N THR B 245 2.05 0.42 10.20
CA THR B 245 3.33 -0.25 10.40
C THR B 245 4.32 0.66 11.12
N GLU B 246 4.41 1.91 10.67
CA GLU B 246 5.34 2.84 11.30
C GLU B 246 4.88 3.23 12.70
N HIS B 247 3.58 3.18 12.95
CA HIS B 247 3.07 3.55 14.25
C HIS B 247 3.42 2.49 15.29
N VAL B 248 3.06 1.23 15.01
CA VAL B 248 3.32 0.15 15.95
C VAL B 248 4.81 0.07 16.29
N GLN B 249 5.68 0.43 15.35
CA GLN B 249 7.10 0.45 15.64
C GLN B 249 7.45 1.53 16.66
N LEU B 250 6.86 2.72 16.55
CA LEU B 250 7.09 3.71 17.59
C LEU B 250 6.47 3.25 18.91
N LEU B 251 5.29 2.63 18.85
CA LEU B 251 4.69 2.01 20.04
C LEU B 251 5.70 1.14 20.78
N GLN B 252 6.52 0.39 20.04
CA GLN B 252 7.48 -0.50 20.68
C GLN B 252 8.61 0.27 21.33
N VAL B 253 9.12 1.32 20.66
CA VAL B 253 10.22 2.11 21.19
C VAL B 253 9.90 2.63 22.59
N ILE B 254 8.63 2.99 22.83
CA ILE B 254 8.24 3.44 24.16
C ILE B 254 7.85 2.30 25.09
N LYS B 255 7.99 1.08 24.57
CA LYS B 255 7.87 -0.13 25.42
C LYS B 255 9.16 -0.15 26.26
N LYS B 256 10.17 0.59 25.81
CA LYS B 256 11.48 0.67 26.53
C LYS B 256 11.62 2.07 27.14
N THR B 257 10.52 2.80 27.27
CA THR B 257 10.53 4.17 27.85
C THR B 257 9.79 4.16 29.19
N GLU B 258 8.48 3.92 29.17
CA GLU B 258 7.66 3.89 30.40
C GLU B 258 7.47 2.43 30.84
N THR B 259 8.50 1.85 31.46
CA THR B 259 8.44 0.44 31.93
C THR B 259 7.64 0.38 33.24
N PRO B 265 -1.87 -1.15 35.72
CA PRO B 265 -2.11 -2.53 36.20
C PRO B 265 -3.33 -3.16 35.51
N LEU B 266 -4.53 -2.88 36.04
CA LEU B 266 -5.76 -3.11 35.28
C LEU B 266 -5.82 -2.17 34.09
N LEU B 267 -5.19 -1.00 34.20
CA LEU B 267 -5.11 -0.07 33.06
C LEU B 267 -4.35 -0.70 31.91
N GLN B 268 -3.22 -1.33 32.20
CA GLN B 268 -2.48 -2.06 31.18
C GLN B 268 -3.36 -3.11 30.49
N GLU B 269 -4.22 -3.77 31.25
CA GLU B 269 -5.10 -4.77 30.65
C GLU B 269 -6.04 -4.12 29.63
N ILE B 270 -6.66 -3.00 30.01
CA ILE B 270 -7.66 -2.38 29.14
C ILE B 270 -7.03 -1.91 27.84
N TYR B 271 -5.81 -1.39 27.91
CA TYR B 271 -5.08 -0.87 26.75
C TYR B 271 -4.02 -1.83 26.25
N LYS B 272 -4.30 -3.14 26.35
CA LYS B 272 -3.36 -4.19 25.89
C LYS B 272 -2.60 -3.69 24.66
S1 BRL C . 18.69 -7.92 -5.10
O2 BRL C . 21.02 -7.34 -4.32
O4 BRL C . 17.68 -4.40 -6.06
O13 BRL C . 15.68 -12.28 -8.84
N3 BRL C . 19.51 -5.49 -4.83
N16 BRL C . 17.48 -14.74 -9.44
N18 BRL C . 19.24 -14.48 -11.14
C2 BRL C . 19.94 -6.98 -4.67
C4 BRL C . 18.22 -5.42 -5.76
C5 BRL C . 17.85 -6.94 -6.18
C6 BRL C . 16.34 -7.25 -6.18
C7 BRL C . 16.15 -8.61 -6.88
C8 BRL C . 16.08 -8.65 -8.27
C9 BRL C . 15.92 -9.85 -8.94
C10 BRL C . 15.84 -11.03 -8.20
C11 BRL C . 15.92 -10.99 -6.81
C12 BRL C . 16.07 -9.79 -6.15
C14 BRL C . 16.53 -12.51 -9.93
C15 BRL C . 16.51 -14.00 -10.24
C16 BRL C . 17.05 -15.24 -8.14
C17 BRL C . 18.82 -15.01 -9.95
C19 BRL C . 20.47 -14.73 -11.63
C20 BRL C . 21.36 -15.55 -10.94
C21 BRL C . 20.95 -16.09 -9.75
C22 BRL C . 19.69 -15.85 -9.25
C1 OLA D . 15.50 -13.50 -16.95
O1 OLA D . 14.88 -12.45 -17.30
O2 OLA D . 14.97 -14.65 -16.79
C2 OLA D . 16.99 -13.40 -16.66
C3 OLA D . 17.83 -12.40 -17.46
C4 OLA D . 19.24 -12.97 -17.57
C5 OLA D . 20.38 -11.95 -17.54
C6 OLA D . 21.35 -12.13 -16.37
C7 OLA D . 20.69 -12.02 -14.99
C8 OLA D . 20.19 -13.38 -14.46
C9 OLA D . 18.66 -13.47 -14.43
C10 OLA D . 17.94 -13.96 -13.44
C11 OLA D . 16.42 -14.00 -13.47
C12 OLA D . 15.81 -12.70 -13.96
C13 OLA D . 14.45 -12.42 -13.33
C14 OLA D . 13.98 -11.02 -13.71
C15 OLA D . 14.25 -10.10 -12.53
C16 OLA D . 13.60 -8.73 -12.72
C17 OLA D . 12.09 -8.80 -12.63
C18 OLA D . 11.45 -8.13 -13.84
#